data_4D6C
#
_entry.id   4D6C
#
_cell.length_a   92.430
_cell.length_b   153.730
_cell.length_c   96.260
_cell.angle_alpha   90.00
_cell.angle_beta   90.00
_cell.angle_gamma   90.00
#
_symmetry.space_group_name_H-M   'C 2 2 21'
#
loop_
_entity.id
_entity.type
_entity.pdbx_description
1 polymer 'GLYCOSIDE HYDROLASE'
2 non-polymer 1,2-ETHANEDIOL
3 water water
#
_entity_poly.entity_id   1
_entity_poly.type   'polypeptide(L)'
_entity_poly.pdbx_seq_one_letter_code
;EVDKRREINNEHPLLMMPLYANGEEFNQGKYTFWGGDTLTGKWENIPDDLKPYTVIQLHPDDLPKRDGAARDFYEHMLEE
AAKYVNPKTGKNEPIPVILTVYTAGNMPYHTSAHWLSTSWIDKMYQKYPNLHGIFSTESYWIWANDIENKAADYLKVSAK
NGGYFIWAEQNSGSAIEKAFGKNGKIAFQKSVDKYWKNLIFMFKNTPAAEGNDSTTESYMKGLWLSNHTYQWGGLMDTWK
WYETGKWKLFASGNIGKSQGDRQWLTEPESMLGEEALGVYLNGGVVYNFEHPAYTYGVNNKESLLFSEVIKEFFRYVIAH
PAPSKEKVLEDTKVFIHGDYSNKGNGKFFVNVNTDREQTPLYMTGRYNVIPAIPGVLKTDKLKESVSSSRIQIKEITSPE
FSSTQARKEYLNKLYPMNYEGDIFAQKLDNRWFVYNYKVNENVKQTGKLKFNSLEMNVEFEPHTYGIFERISNGLKVNLN
NFRTNKDSLWSNAQDANQAKKLPQLTKKGAIKWIEEHYIKDTQFGEKRVTKIVLRGIDKLPTIHSLSGTNNSYDQPSLNF
DQKNHMVTITINSNGNLEFELHFLEHTRAPPPPPLRSGC
;
_entity_poly.pdbx_strand_id   A
#
loop_
_chem_comp.id
_chem_comp.type
_chem_comp.name
_chem_comp.formula
EDO non-polymer 1,2-ETHANEDIOL 'C2 H6 O2'
#
# COMPACT_ATOMS: atom_id res chain seq x y z
N GLU A 1 2.11 -28.77 -11.70
CA GLU A 1 2.67 -27.53 -11.07
C GLU A 1 4.11 -27.76 -10.58
N VAL A 2 4.93 -26.74 -10.78
CA VAL A 2 6.31 -26.69 -10.29
C VAL A 2 6.30 -26.09 -8.89
N ASP A 3 7.13 -26.62 -7.99
CA ASP A 3 7.22 -26.13 -6.61
C ASP A 3 7.46 -24.61 -6.58
N LYS A 4 6.67 -23.91 -5.78
CA LYS A 4 6.82 -22.45 -5.61
C LYS A 4 8.13 -22.11 -4.96
N ARG A 5 8.75 -21.03 -5.43
CA ARG A 5 10.04 -20.57 -4.89
C ARG A 5 9.92 -19.91 -3.52
N ARG A 6 8.74 -19.37 -3.24
CA ARG A 6 8.43 -18.79 -1.93
C ARG A 6 6.92 -18.83 -1.74
N GLU A 7 6.48 -18.70 -0.49
CA GLU A 7 5.07 -18.55 -0.21
C GLU A 7 4.74 -17.06 -0.11
N ILE A 8 3.55 -16.70 -0.60
CA ILE A 8 3.00 -15.36 -0.45
C ILE A 8 1.55 -15.54 -0.07
N ASN A 9 1.22 -15.21 1.18
CA ASN A 9 -0.16 -15.31 1.66
C ASN A 9 -0.29 -14.57 2.97
N ASN A 10 -1.44 -14.67 3.63
CA ASN A 10 -1.61 -13.89 4.88
C ASN A 10 -0.56 -14.14 5.97
N GLU A 11 -0.10 -15.39 6.08
CA GLU A 11 0.92 -15.76 7.07
C GLU A 11 2.32 -15.50 6.58
N HIS A 12 2.46 -15.37 5.27
CA HIS A 12 3.74 -15.08 4.63
C HIS A 12 3.58 -13.86 3.71
N PRO A 13 3.35 -12.67 4.29
CA PRO A 13 3.14 -11.49 3.45
C PRO A 13 4.44 -11.09 2.75
N LEU A 14 4.35 -10.11 1.85
CA LEU A 14 5.50 -9.71 1.07
C LEU A 14 5.63 -8.19 1.04
N LEU A 15 6.81 -7.71 1.45
CA LEU A 15 7.16 -6.30 1.32
C LEU A 15 8.19 -6.19 0.21
N MET A 16 7.84 -5.48 -0.85
CA MET A 16 8.79 -5.29 -1.93
C MET A 16 9.70 -4.13 -1.59
N MET A 17 11.00 -4.30 -1.83
N MET A 17 11.00 -4.29 -1.85
CA MET A 17 12.05 -3.34 -1.51
CA MET A 17 12.01 -3.31 -1.48
C MET A 17 12.70 -2.86 -2.81
C MET A 17 12.69 -2.85 -2.78
N PRO A 18 12.19 -1.75 -3.37
CA PRO A 18 12.68 -1.32 -4.69
C PRO A 18 14.06 -0.66 -4.67
N LEU A 19 14.80 -0.89 -5.76
CA LEU A 19 16.10 -0.28 -6.00
C LEU A 19 16.14 0.09 -7.46
N TYR A 20 16.35 1.38 -7.74
CA TYR A 20 16.26 1.93 -9.09
C TYR A 20 17.66 2.15 -9.64
N ALA A 21 17.95 1.49 -10.76
CA ALA A 21 19.28 1.60 -11.40
C ALA A 21 19.65 3.02 -11.75
N ASN A 22 20.89 3.39 -11.44
CA ASN A 22 21.41 4.70 -11.79
C ASN A 22 22.05 4.62 -13.18
N GLY A 23 21.31 5.07 -14.18
CA GLY A 23 21.75 4.93 -15.58
C GLY A 23 22.90 5.88 -15.89
N GLU A 24 22.96 7.01 -15.19
CA GLU A 24 24.05 7.96 -15.42
C GLU A 24 25.37 7.33 -15.00
N GLU A 25 25.37 6.69 -13.84
CA GLU A 25 26.60 6.04 -13.36
C GLU A 25 26.89 4.76 -14.13
N PHE A 26 25.86 4.09 -14.62
CA PHE A 26 26.05 2.98 -15.56
C PHE A 26 26.86 3.39 -16.79
N ASN A 27 26.56 4.57 -17.32
CA ASN A 27 27.32 5.08 -18.46
C ASN A 27 28.79 5.36 -18.12
N GLN A 28 29.08 5.49 -16.82
CA GLN A 28 30.45 5.70 -16.34
C GLN A 28 31.11 4.39 -15.88
N GLY A 29 30.47 3.26 -16.15
CA GLY A 29 31.02 1.95 -15.82
C GLY A 29 30.76 1.46 -14.40
N LYS A 30 29.84 2.12 -13.70
CA LYS A 30 29.55 1.76 -12.31
C LYS A 30 28.16 1.13 -12.22
N TYR A 31 27.97 0.27 -11.24
CA TYR A 31 26.70 -0.43 -11.03
C TYR A 31 26.11 0.02 -9.72
N THR A 32 25.20 1.00 -9.79
CA THR A 32 24.73 1.66 -8.59
C THR A 32 23.25 1.95 -8.72
N PHE A 33 22.68 2.38 -7.59
CA PHE A 33 21.27 2.72 -7.51
C PHE A 33 21.06 4.17 -7.11
N TRP A 34 20.02 4.79 -7.67
CA TRP A 34 19.60 6.13 -7.23
C TRP A 34 19.31 6.11 -5.74
N GLY A 35 19.83 7.09 -5.02
CA GLY A 35 19.65 7.15 -3.56
C GLY A 35 20.77 6.49 -2.76
N GLY A 36 21.64 5.75 -3.45
CA GLY A 36 22.88 5.29 -2.83
C GLY A 36 22.87 3.99 -2.05
N ASP A 37 21.71 3.34 -1.94
CA ASP A 37 21.66 2.00 -1.37
C ASP A 37 22.54 1.07 -2.21
N THR A 38 23.14 0.07 -1.57
CA THR A 38 23.75 -1.02 -2.32
C THR A 38 22.91 -2.28 -2.08
N LEU A 39 22.91 -3.22 -3.02
CA LEU A 39 22.07 -4.41 -2.86
C LEU A 39 22.41 -5.16 -1.57
N THR A 40 23.71 -5.42 -1.38
CA THR A 40 24.21 -6.14 -0.21
C THR A 40 24.00 -5.38 1.10
N GLY A 41 24.35 -4.09 1.11
CA GLY A 41 24.25 -3.25 2.31
C GLY A 41 22.80 -3.09 2.75
N LYS A 42 21.93 -2.91 1.78
CA LYS A 42 20.52 -2.73 2.08
C LYS A 42 19.94 -4.01 2.65
N TRP A 43 20.25 -5.13 2.01
CA TRP A 43 19.76 -6.41 2.49
C TRP A 43 20.23 -6.67 3.93
N GLU A 44 21.52 -6.44 4.17
CA GLU A 44 22.08 -6.63 5.52
C GLU A 44 21.34 -5.82 6.58
N ASN A 45 20.95 -4.60 6.21
N ASN A 45 20.91 -4.62 6.22
CA ASN A 45 20.27 -3.65 7.11
CA ASN A 45 20.30 -3.71 7.16
C ASN A 45 18.84 -4.05 7.45
C ASN A 45 18.77 -3.89 7.31
N ILE A 46 18.20 -4.83 6.57
CA ILE A 46 16.80 -5.24 6.79
C ILE A 46 16.77 -6.04 8.09
N PRO A 47 15.90 -5.64 9.06
CA PRO A 47 15.84 -6.39 10.32
C PRO A 47 15.64 -7.88 10.05
N ASP A 48 16.33 -8.73 10.80
CA ASP A 48 16.30 -10.17 10.55
C ASP A 48 14.90 -10.76 10.63
N ASP A 49 14.03 -10.18 11.47
CA ASP A 49 12.66 -10.69 11.60
C ASP A 49 11.85 -10.46 10.31
N LEU A 50 12.26 -9.46 9.54
CA LEU A 50 11.58 -9.10 8.29
C LEU A 50 12.20 -9.76 7.07
N LYS A 51 13.47 -10.17 7.15
CA LYS A 51 14.12 -10.79 5.99
C LYS A 51 13.32 -11.90 5.28
N PRO A 52 12.62 -12.78 6.04
CA PRO A 52 11.89 -13.86 5.34
C PRO A 52 10.69 -13.37 4.53
N TYR A 53 10.32 -12.10 4.71
CA TYR A 53 9.10 -11.55 4.13
C TYR A 53 9.37 -10.39 3.19
N THR A 54 10.65 -10.11 2.94
CA THR A 54 11.05 -8.96 2.13
C THR A 54 11.84 -9.42 0.91
N VAL A 55 11.60 -8.78 -0.23
CA VAL A 55 12.32 -9.15 -1.45
C VAL A 55 12.79 -7.88 -2.13
N ILE A 56 14.04 -7.88 -2.58
CA ILE A 56 14.62 -6.78 -3.33
C ILE A 56 14.01 -6.73 -4.72
N GLN A 57 13.43 -5.59 -5.10
CA GLN A 57 12.83 -5.41 -6.45
C GLN A 57 13.70 -4.46 -7.26
N LEU A 58 14.41 -4.99 -8.24
CA LEU A 58 15.25 -4.16 -9.09
C LEU A 58 14.40 -3.51 -10.17
N HIS A 59 14.68 -2.23 -10.45
CA HIS A 59 13.96 -1.46 -11.44
C HIS A 59 15.00 -0.81 -12.35
N PRO A 60 14.81 -0.86 -13.69
CA PRO A 60 15.88 -0.42 -14.59
C PRO A 60 15.94 1.11 -14.80
N ASP A 61 14.98 1.83 -14.24
CA ASP A 61 14.92 3.30 -14.28
C ASP A 61 15.49 3.90 -15.57
N ASP A 62 16.59 4.64 -15.47
CA ASP A 62 17.12 5.39 -16.62
C ASP A 62 18.38 4.74 -17.22
N LEU A 63 18.48 3.42 -17.09
CA LEU A 63 19.50 2.70 -17.87
C LEU A 63 19.32 3.06 -19.34
N PRO A 64 20.43 3.09 -20.12
CA PRO A 64 20.30 3.49 -21.53
C PRO A 64 19.32 2.63 -22.30
N LYS A 65 18.57 3.26 -23.20
CA LYS A 65 17.53 2.61 -23.94
C LYS A 65 18.07 1.93 -25.21
N ARG A 66 18.76 0.81 -24.97
N ARG A 66 18.73 0.79 -25.01
CA ARG A 66 19.42 0.06 -26.05
CA ARG A 66 19.22 0.02 -26.14
C ARG A 66 19.58 -1.38 -25.59
C ARG A 66 19.51 -1.38 -25.62
N ASP A 67 19.69 -2.29 -26.56
CA ASP A 67 19.84 -3.69 -26.23
C ASP A 67 21.05 -3.93 -25.35
N GLY A 68 20.86 -4.77 -24.34
CA GLY A 68 21.94 -5.23 -23.49
C GLY A 68 22.10 -4.49 -22.17
N ALA A 69 21.62 -3.24 -22.09
CA ALA A 69 21.89 -2.46 -20.88
C ALA A 69 21.20 -3.07 -19.66
N ALA A 70 19.89 -3.32 -19.77
CA ALA A 70 19.17 -3.96 -18.66
C ALA A 70 19.68 -5.38 -18.38
N ARG A 71 19.97 -6.18 -19.41
CA ARG A 71 20.53 -7.52 -19.12
C ARG A 71 21.84 -7.41 -18.35
N ASP A 72 22.73 -6.50 -18.77
CA ASP A 72 24.04 -6.30 -18.14
C ASP A 72 23.89 -5.91 -16.65
N PHE A 73 23.10 -4.88 -16.40
CA PHE A 73 22.87 -4.43 -15.05
C PHE A 73 22.22 -5.53 -14.20
N TYR A 74 21.18 -6.15 -14.73
CA TYR A 74 20.48 -7.18 -13.98
C TYR A 74 21.34 -8.41 -13.70
N GLU A 75 22.13 -8.87 -14.69
CA GLU A 75 23.01 -10.01 -14.44
C GLU A 75 24.06 -9.68 -13.37
N HIS A 76 24.61 -8.47 -13.41
CA HIS A 76 25.53 -8.02 -12.37
C HIS A 76 24.90 -8.12 -10.98
N MET A 77 23.68 -7.62 -10.85
CA MET A 77 23.01 -7.60 -9.56
C MET A 77 22.55 -8.98 -9.09
N LEU A 78 22.13 -9.82 -10.03
CA LEU A 78 21.76 -11.20 -9.71
C LEU A 78 22.99 -11.95 -9.17
N GLU A 79 24.15 -11.71 -9.78
CA GLU A 79 25.41 -12.28 -9.28
C GLU A 79 25.72 -11.81 -7.86
N GLU A 80 25.62 -10.51 -7.61
N GLU A 80 25.62 -10.51 -7.63
CA GLU A 80 25.85 -9.98 -6.27
CA GLU A 80 25.81 -9.92 -6.31
C GLU A 80 24.90 -10.61 -5.26
C GLU A 80 24.89 -10.57 -5.28
N ALA A 81 23.62 -10.74 -5.65
CA ALA A 81 22.62 -11.34 -4.77
C ALA A 81 22.92 -12.81 -4.48
N ALA A 82 23.33 -13.54 -5.52
CA ALA A 82 23.57 -14.98 -5.43
C ALA A 82 24.76 -15.28 -4.52
N LYS A 83 25.77 -14.41 -4.56
CA LYS A 83 27.02 -14.69 -3.87
C LYS A 83 27.06 -14.17 -2.44
N TYR A 84 25.96 -13.58 -1.98
CA TYR A 84 25.93 -12.94 -0.67
C TYR A 84 26.26 -13.91 0.46
N VAL A 85 27.12 -13.47 1.37
CA VAL A 85 27.47 -14.25 2.57
C VAL A 85 27.01 -13.50 3.83
N ASN A 86 26.31 -14.22 4.71
CA ASN A 86 25.90 -13.67 5.99
C ASN A 86 27.14 -13.51 6.86
N PRO A 87 27.48 -12.26 7.25
CA PRO A 87 28.73 -11.93 7.94
C PRO A 87 28.79 -12.53 9.34
N LYS A 88 27.63 -12.75 9.95
CA LYS A 88 27.53 -13.33 11.28
C LYS A 88 27.74 -14.85 11.30
N THR A 89 27.36 -15.54 10.22
CA THR A 89 27.45 -17.01 10.19
C THR A 89 28.48 -17.54 9.18
N GLY A 90 28.81 -16.73 8.17
CA GLY A 90 29.75 -17.14 7.13
C GLY A 90 29.13 -18.01 6.04
N LYS A 91 27.81 -18.22 6.11
CA LYS A 91 27.11 -19.05 5.13
C LYS A 91 26.63 -18.23 3.93
N ASN A 92 26.75 -18.80 2.73
CA ASN A 92 26.19 -18.22 1.52
C ASN A 92 24.67 -18.24 1.65
N GLU A 93 24.06 -17.06 1.65
CA GLU A 93 22.61 -16.95 1.82
C GLU A 93 22.08 -16.03 0.72
N PRO A 94 21.86 -16.61 -0.48
CA PRO A 94 21.47 -15.82 -1.63
C PRO A 94 20.28 -14.91 -1.34
N ILE A 95 20.39 -13.65 -1.78
CA ILE A 95 19.38 -12.62 -1.56
C ILE A 95 18.24 -12.79 -2.55
N PRO A 96 16.99 -12.82 -2.07
CA PRO A 96 15.85 -12.99 -2.98
C PRO A 96 15.60 -11.70 -3.77
N VAL A 97 15.34 -11.88 -5.05
CA VAL A 97 15.21 -10.77 -6.00
C VAL A 97 13.95 -10.92 -6.84
N ILE A 98 13.32 -9.77 -7.14
CA ILE A 98 12.31 -9.67 -8.17
C ILE A 98 12.87 -8.69 -9.20
N LEU A 99 12.72 -9.02 -10.48
CA LEU A 99 13.19 -8.13 -11.55
C LEU A 99 12.02 -7.40 -12.20
N THR A 100 12.14 -6.09 -12.40
CA THR A 100 11.13 -5.37 -13.17
C THR A 100 11.40 -5.63 -14.64
N VAL A 101 10.45 -6.29 -15.29
CA VAL A 101 10.64 -6.70 -16.70
C VAL A 101 9.77 -5.95 -17.71
N TYR A 102 8.76 -5.23 -17.21
CA TYR A 102 7.83 -4.53 -18.09
C TYR A 102 7.36 -3.27 -17.39
N THR A 103 7.50 -2.15 -18.08
CA THR A 103 7.00 -0.88 -17.55
C THR A 103 6.78 0.08 -18.71
N ALA A 104 5.82 1.00 -18.57
CA ALA A 104 5.58 2.01 -19.60
C ALA A 104 5.39 1.36 -20.99
N GLY A 105 4.64 0.27 -21.02
CA GLY A 105 4.35 -0.43 -22.28
C GLY A 105 5.57 -1.03 -22.95
N ASN A 106 6.70 -1.08 -22.24
CA ASN A 106 8.01 -1.50 -22.75
C ASN A 106 8.34 -0.80 -24.07
N MET A 107 7.90 0.45 -24.22
CA MET A 107 8.24 1.18 -25.44
C MET A 107 9.75 1.42 -25.42
N PRO A 108 10.42 1.29 -26.58
CA PRO A 108 11.85 1.48 -26.62
C PRO A 108 12.27 2.90 -26.36
N TYR A 109 11.32 3.85 -26.49
CA TYR A 109 11.59 5.24 -26.13
C TYR A 109 11.29 5.55 -24.67
N HIS A 110 10.80 4.56 -23.92
CA HIS A 110 10.52 4.72 -22.49
C HIS A 110 11.45 3.96 -21.55
N THR A 111 11.88 2.76 -21.93
CA THR A 111 12.57 1.92 -20.97
C THR A 111 13.54 0.91 -21.58
N SER A 112 14.68 0.77 -20.92
CA SER A 112 15.65 -0.30 -21.21
C SER A 112 15.05 -1.72 -21.04
N ALA A 113 13.95 -1.84 -20.27
CA ALA A 113 13.27 -3.14 -20.08
C ALA A 113 12.74 -3.72 -21.38
N HIS A 114 12.58 -2.87 -22.40
CA HIS A 114 12.13 -3.37 -23.71
C HIS A 114 12.97 -4.56 -24.17
N TRP A 115 14.28 -4.46 -23.93
CA TRP A 115 15.25 -5.45 -24.42
C TRP A 115 15.51 -6.58 -23.42
N LEU A 116 14.42 -7.16 -22.90
CA LEU A 116 14.48 -8.30 -21.99
C LEU A 116 13.50 -9.35 -22.51
N SER A 117 14.04 -10.35 -23.21
CA SER A 117 13.20 -11.38 -23.81
C SER A 117 12.74 -12.40 -22.77
N THR A 118 11.68 -13.08 -23.12
N THR A 118 11.67 -13.11 -23.07
CA THR A 118 11.17 -14.18 -22.32
CA THR A 118 11.23 -14.17 -22.15
C THR A 118 12.23 -15.28 -22.23
C THR A 118 12.23 -15.32 -22.11
N SER A 119 12.97 -15.49 -23.32
N SER A 119 13.00 -15.51 -23.18
CA SER A 119 14.07 -16.45 -23.31
CA SER A 119 14.07 -16.51 -23.17
C SER A 119 15.12 -16.14 -22.23
C SER A 119 15.14 -16.14 -22.17
N TRP A 120 15.48 -14.85 -22.11
CA TRP A 120 16.44 -14.40 -21.13
C TRP A 120 15.89 -14.56 -19.71
N ILE A 121 14.62 -14.22 -19.53
CA ILE A 121 13.98 -14.38 -18.23
C ILE A 121 14.01 -15.85 -17.78
N ASP A 122 13.67 -16.75 -18.71
CA ASP A 122 13.70 -18.20 -18.45
C ASP A 122 15.11 -18.61 -18.04
N LYS A 123 16.11 -18.14 -18.78
N LYS A 123 16.11 -18.14 -18.78
CA LYS A 123 17.51 -18.43 -18.48
CA LYS A 123 17.51 -18.43 -18.48
C LYS A 123 17.91 -17.95 -17.07
C LYS A 123 17.89 -17.95 -17.07
N MET A 124 17.43 -16.75 -16.69
CA MET A 124 17.72 -16.21 -15.38
C MET A 124 17.05 -17.00 -14.23
N TYR A 125 15.80 -17.38 -14.43
CA TYR A 125 15.11 -18.21 -13.44
C TYR A 125 15.88 -19.51 -13.24
N GLN A 126 16.34 -20.11 -14.33
CA GLN A 126 17.06 -21.38 -14.25
C GLN A 126 18.42 -21.24 -13.60
N LYS A 127 19.09 -20.12 -13.83
CA LYS A 127 20.41 -19.88 -13.28
C LYS A 127 20.39 -19.46 -11.80
N TYR A 128 19.34 -18.73 -11.41
CA TYR A 128 19.28 -18.12 -10.07
C TYR A 128 18.07 -18.59 -9.29
N PRO A 129 18.26 -19.54 -8.36
CA PRO A 129 17.14 -19.98 -7.50
C PRO A 129 16.58 -18.84 -6.67
N ASN A 130 17.40 -17.82 -6.43
CA ASN A 130 17.00 -16.65 -5.64
C ASN A 130 16.19 -15.61 -6.44
N LEU A 131 16.05 -15.84 -7.74
CA LEU A 131 15.09 -15.04 -8.53
C LEU A 131 13.67 -15.57 -8.26
N HIS A 132 12.92 -14.82 -7.45
CA HIS A 132 11.61 -15.31 -7.00
C HIS A 132 10.44 -14.85 -7.86
N GLY A 133 10.69 -13.85 -8.69
CA GLY A 133 9.61 -13.38 -9.55
C GLY A 133 10.00 -12.22 -10.42
N ILE A 134 9.04 -11.82 -11.24
CA ILE A 134 9.23 -10.71 -12.19
C ILE A 134 8.02 -9.80 -12.09
N PHE A 135 8.25 -8.52 -12.41
CA PHE A 135 7.32 -7.45 -12.08
C PHE A 135 7.01 -6.59 -13.31
N SER A 136 5.72 -6.32 -13.52
CA SER A 136 5.26 -5.37 -14.51
C SER A 136 4.56 -4.25 -13.76
N THR A 137 4.88 -3.02 -14.12
CA THR A 137 4.34 -1.88 -13.36
C THR A 137 4.11 -0.67 -14.24
N GLU A 138 2.93 -0.10 -14.12
CA GLU A 138 2.64 1.22 -14.69
C GLU A 138 2.65 1.30 -16.22
N SER A 139 1.64 0.72 -16.85
CA SER A 139 1.43 0.88 -18.29
C SER A 139 0.04 1.40 -18.61
N TYR A 140 -0.74 1.77 -17.59
CA TYR A 140 -2.13 2.23 -17.84
C TYR A 140 -2.16 3.43 -18.80
N TRP A 141 -1.12 4.26 -18.78
CA TRP A 141 -1.07 5.46 -19.61
C TRP A 141 -0.46 5.22 -21.00
N ILE A 142 0.01 3.99 -21.24
CA ILE A 142 0.66 3.61 -22.52
C ILE A 142 0.39 2.12 -22.74
N TRP A 143 -0.86 1.84 -23.10
CA TRP A 143 -1.36 0.46 -23.11
C TRP A 143 -0.98 -0.17 -24.45
N ALA A 144 0.23 -0.74 -24.47
CA ALA A 144 0.85 -1.25 -25.69
C ALA A 144 -0.02 -2.30 -26.36
N ASN A 145 0.05 -2.34 -27.70
CA ASN A 145 -0.80 -3.21 -28.52
C ASN A 145 -0.76 -4.70 -28.18
N ASP A 146 0.37 -5.13 -27.63
CA ASP A 146 0.57 -6.54 -27.28
C ASP A 146 0.75 -6.78 -25.77
N ILE A 147 0.28 -5.85 -24.96
CA ILE A 147 0.56 -5.94 -23.51
C ILE A 147 -0.01 -7.21 -22.87
N GLU A 148 -1.24 -7.60 -23.28
CA GLU A 148 -1.87 -8.82 -22.76
C GLU A 148 -1.12 -10.09 -23.18
N ASN A 149 -0.68 -10.11 -24.44
CA ASN A 149 0.13 -11.20 -24.96
C ASN A 149 1.44 -11.36 -24.17
N LYS A 150 2.11 -10.23 -23.92
CA LYS A 150 3.36 -10.26 -23.19
C LYS A 150 3.13 -10.70 -21.73
N ALA A 151 2.04 -10.23 -21.15
CA ALA A 151 1.72 -10.58 -19.78
C ALA A 151 1.45 -12.09 -19.64
N ALA A 152 0.79 -12.68 -20.63
CA ALA A 152 0.58 -14.12 -20.66
C ALA A 152 1.92 -14.87 -20.66
N ASP A 153 2.85 -14.38 -21.47
CA ASP A 153 4.17 -14.99 -21.53
C ASP A 153 4.96 -14.81 -20.22
N TYR A 154 4.83 -13.65 -19.55
CA TYR A 154 5.47 -13.49 -18.24
C TYR A 154 4.90 -14.43 -17.20
N LEU A 155 3.58 -14.60 -17.22
CA LEU A 155 2.93 -15.49 -16.25
C LEU A 155 3.35 -16.93 -16.51
N LYS A 156 3.35 -17.32 -17.78
CA LYS A 156 3.72 -18.70 -18.14
C LYS A 156 5.17 -19.04 -17.76
N VAL A 157 6.10 -18.14 -18.07
CA VAL A 157 7.50 -18.42 -17.76
C VAL A 157 7.75 -18.45 -16.25
N SER A 158 6.99 -17.65 -15.50
CA SER A 158 7.05 -17.71 -14.06
C SER A 158 6.52 -19.03 -13.55
N ALA A 159 5.35 -19.47 -14.04
CA ALA A 159 4.76 -20.75 -13.63
C ALA A 159 5.72 -21.91 -13.96
N LYS A 160 6.36 -21.83 -15.12
CA LYS A 160 7.34 -22.84 -15.58
C LYS A 160 8.47 -23.03 -14.57
N ASN A 161 8.78 -21.97 -13.82
CA ASN A 161 9.96 -21.95 -12.96
C ASN A 161 9.61 -21.87 -11.48
N GLY A 162 8.32 -21.85 -11.17
CA GLY A 162 7.86 -21.77 -9.78
C GLY A 162 7.95 -20.35 -9.22
N GLY A 163 8.14 -19.39 -10.10
CA GLY A 163 8.25 -17.98 -9.68
C GLY A 163 6.91 -17.28 -9.77
N TYR A 164 6.88 -16.02 -9.34
CA TYR A 164 5.64 -15.26 -9.45
C TYR A 164 5.74 -14.18 -10.50
N PHE A 165 4.66 -13.99 -11.25
CA PHE A 165 4.50 -12.77 -12.05
C PHE A 165 3.65 -11.82 -11.22
N ILE A 166 4.18 -10.63 -10.97
CA ILE A 166 3.52 -9.60 -10.14
C ILE A 166 3.24 -8.45 -11.07
N TRP A 167 1.98 -8.01 -11.12
CA TRP A 167 1.60 -6.90 -11.99
C TRP A 167 0.94 -5.81 -11.14
N ALA A 168 1.52 -4.61 -11.14
CA ALA A 168 0.94 -3.46 -10.43
C ALA A 168 0.38 -2.50 -11.46
N GLU A 169 -0.93 -2.28 -11.41
CA GLU A 169 -1.60 -1.49 -12.43
C GLU A 169 -2.82 -0.82 -11.84
N GLN A 170 -3.19 0.34 -12.40
CA GLN A 170 -4.40 1.05 -11.96
C GLN A 170 -5.43 1.04 -13.07
N ASN A 171 -6.72 1.03 -12.71
CA ASN A 171 -7.80 0.95 -13.71
C ASN A 171 -8.04 2.31 -14.40
N SER A 172 -6.98 2.96 -14.87
CA SER A 172 -7.12 4.16 -15.71
C SER A 172 -7.32 3.69 -17.12
N GLY A 173 -8.25 4.32 -17.82
CA GLY A 173 -8.54 3.85 -19.18
C GLY A 173 -8.95 2.41 -19.29
N SER A 174 -9.67 1.89 -18.27
CA SER A 174 -10.14 0.50 -18.24
C SER A 174 -9.01 -0.53 -18.20
N ALA A 175 -7.83 -0.16 -17.70
CA ALA A 175 -6.67 -1.06 -17.82
C ALA A 175 -6.90 -2.46 -17.26
N ILE A 176 -7.49 -2.57 -16.06
CA ILE A 176 -7.66 -3.90 -15.48
C ILE A 176 -8.65 -4.73 -16.30
N GLU A 177 -9.70 -4.08 -16.78
CA GLU A 177 -10.72 -4.75 -17.60
C GLU A 177 -10.10 -5.24 -18.92
N LYS A 178 -9.30 -4.38 -19.55
CA LYS A 178 -8.59 -4.76 -20.77
C LYS A 178 -7.63 -5.92 -20.55
N ALA A 179 -6.91 -5.89 -19.43
CA ALA A 179 -5.96 -6.96 -19.14
C ALA A 179 -6.59 -8.34 -19.18
N PHE A 180 -7.84 -8.42 -18.76
CA PHE A 180 -8.53 -9.69 -18.70
C PHE A 180 -9.40 -9.96 -19.95
N GLY A 181 -9.33 -9.06 -20.92
CA GLY A 181 -9.92 -9.31 -22.25
C GLY A 181 -11.11 -8.48 -22.66
N LYS A 182 -11.41 -7.39 -21.95
CA LYS A 182 -12.56 -6.54 -22.29
C LYS A 182 -12.65 -6.24 -23.79
N ASN A 183 -11.53 -5.83 -24.37
CA ASN A 183 -11.50 -5.37 -25.76
C ASN A 183 -11.04 -6.44 -26.73
N GLY A 184 -11.10 -7.69 -26.27
CA GLY A 184 -10.90 -8.84 -27.13
C GLY A 184 -9.49 -9.39 -27.15
N LYS A 185 -8.61 -8.82 -26.32
CA LYS A 185 -7.25 -9.34 -26.20
C LYS A 185 -7.23 -10.30 -25.04
N ILE A 186 -7.43 -11.58 -25.33
CA ILE A 186 -7.73 -12.59 -24.30
C ILE A 186 -6.57 -13.49 -23.90
N ALA A 187 -5.36 -13.21 -24.39
CA ALA A 187 -4.22 -14.08 -24.09
C ALA A 187 -3.95 -14.19 -22.59
N PHE A 188 -4.00 -13.06 -21.90
CA PHE A 188 -3.75 -13.09 -20.46
C PHE A 188 -4.91 -13.74 -19.71
N GLN A 189 -6.15 -13.49 -20.13
CA GLN A 189 -7.29 -14.21 -19.59
C GLN A 189 -7.07 -15.74 -19.65
N LYS A 190 -6.64 -16.25 -20.80
CA LYS A 190 -6.37 -17.69 -20.96
C LYS A 190 -5.18 -18.17 -20.11
N SER A 191 -4.14 -17.36 -20.02
CA SER A 191 -2.99 -17.68 -19.17
C SER A 191 -3.41 -17.83 -17.70
N VAL A 192 -4.24 -16.90 -17.24
CA VAL A 192 -4.70 -16.89 -15.85
C VAL A 192 -5.53 -18.14 -15.55
N ASP A 193 -6.32 -18.60 -16.52
CA ASP A 193 -7.11 -19.79 -16.30
C ASP A 193 -6.22 -20.98 -15.91
N LYS A 194 -5.01 -21.04 -16.48
CA LYS A 194 -4.07 -22.10 -16.17
C LYS A 194 -3.14 -21.81 -15.00
N TYR A 195 -2.72 -20.56 -14.86
CA TYR A 195 -1.54 -20.25 -14.06
C TYR A 195 -1.79 -19.23 -12.95
N TRP A 196 -3.05 -19.05 -12.57
CA TRP A 196 -3.40 -18.02 -11.60
C TRP A 196 -2.67 -18.16 -10.26
N LYS A 197 -2.26 -19.38 -9.89
CA LYS A 197 -1.54 -19.59 -8.62
C LYS A 197 -0.14 -18.96 -8.60
N ASN A 198 0.34 -18.53 -9.76
CA ASN A 198 1.63 -17.85 -9.87
C ASN A 198 1.50 -16.35 -10.14
N LEU A 199 0.27 -15.84 -10.05
CA LEU A 199 -0.01 -14.43 -10.33
C LEU A 199 -0.29 -13.63 -9.05
N ILE A 200 0.39 -12.48 -8.92
CA ILE A 200 0.05 -11.50 -7.90
C ILE A 200 -0.39 -10.23 -8.62
N PHE A 201 -1.58 -9.73 -8.32
CA PHE A 201 -2.07 -8.49 -8.97
C PHE A 201 -2.21 -7.42 -7.90
N MET A 202 -1.64 -6.25 -8.17
CA MET A 202 -1.61 -5.16 -7.19
C MET A 202 -2.16 -3.90 -7.84
N PHE A 203 -2.80 -3.05 -7.04
CA PHE A 203 -3.11 -1.70 -7.52
C PHE A 203 -1.84 -0.84 -7.56
N LYS A 204 -1.89 0.29 -8.26
CA LYS A 204 -0.77 1.24 -8.28
C LYS A 204 -1.40 2.62 -8.23
N ASN A 205 -1.34 3.27 -7.06
CA ASN A 205 -2.25 4.39 -6.86
C ASN A 205 -1.74 5.75 -7.31
N THR A 206 -0.59 5.74 -7.97
CA THR A 206 0.01 6.89 -8.63
C THR A 206 -0.92 7.87 -9.36
N PRO A 207 -1.80 7.41 -10.28
CA PRO A 207 -2.50 8.40 -11.14
C PRO A 207 -3.75 8.96 -10.43
N ALA A 208 -3.50 9.58 -9.31
CA ALA A 208 -4.52 9.95 -8.33
C ALA A 208 -5.54 10.95 -8.87
N ALA A 209 -5.16 11.78 -9.83
CA ALA A 209 -6.13 12.76 -10.36
C ALA A 209 -7.29 12.07 -11.08
N GLU A 210 -7.08 10.82 -11.51
CA GLU A 210 -8.12 10.08 -12.22
C GLU A 210 -9.07 9.30 -11.30
N GLY A 211 -8.73 9.25 -10.01
CA GLY A 211 -9.66 8.79 -9.01
C GLY A 211 -10.04 7.32 -9.01
N ASN A 212 -9.16 6.46 -9.54
CA ASN A 212 -9.50 5.04 -9.71
C ASN A 212 -9.07 4.18 -8.52
N ASP A 213 -8.78 4.80 -7.39
CA ASP A 213 -8.32 4.03 -6.22
C ASP A 213 -9.31 2.96 -5.77
N SER A 214 -10.56 3.37 -5.53
CA SER A 214 -11.51 2.47 -4.89
C SER A 214 -11.90 1.34 -5.84
N THR A 215 -12.04 1.66 -7.12
CA THR A 215 -12.46 0.66 -8.09
C THR A 215 -11.33 -0.30 -8.40
N THR A 216 -10.08 0.19 -8.48
CA THR A 216 -8.99 -0.74 -8.71
C THR A 216 -8.83 -1.66 -7.50
N GLU A 217 -8.92 -1.11 -6.30
CA GLU A 217 -8.76 -1.95 -5.11
C GLU A 217 -9.89 -2.98 -5.04
N SER A 218 -11.10 -2.57 -5.41
CA SER A 218 -12.25 -3.49 -5.49
C SER A 218 -11.94 -4.65 -6.43
N TYR A 219 -11.37 -4.34 -7.59
CA TYR A 219 -10.99 -5.41 -8.54
C TYR A 219 -9.89 -6.31 -7.99
N MET A 220 -8.89 -5.74 -7.32
CA MET A 220 -7.81 -6.58 -6.83
C MET A 220 -8.36 -7.60 -5.84
N LYS A 221 -9.22 -7.13 -4.94
CA LYS A 221 -9.85 -8.01 -3.96
C LYS A 221 -10.72 -9.06 -4.65
N GLY A 222 -11.52 -8.62 -5.62
CA GLY A 222 -12.46 -9.52 -6.30
C GLY A 222 -11.76 -10.56 -7.14
N LEU A 223 -10.70 -10.15 -7.85
CA LEU A 223 -9.85 -11.11 -8.60
C LEU A 223 -9.31 -12.21 -7.71
N TRP A 224 -8.85 -11.83 -6.52
CA TRP A 224 -8.33 -12.80 -5.56
C TRP A 224 -9.43 -13.74 -5.06
N LEU A 225 -10.57 -13.19 -4.64
CA LEU A 225 -11.64 -14.01 -4.06
C LEU A 225 -12.19 -15.01 -5.08
N SER A 226 -12.11 -14.66 -6.36
CA SER A 226 -12.70 -15.46 -7.44
C SER A 226 -11.65 -16.33 -8.16
N ASN A 227 -10.47 -16.47 -7.54
CA ASN A 227 -9.40 -17.34 -8.05
C ASN A 227 -8.87 -16.93 -9.43
N HIS A 228 -8.80 -15.62 -9.67
CA HIS A 228 -8.10 -15.10 -10.85
C HIS A 228 -6.69 -14.60 -10.53
N THR A 229 -6.36 -14.47 -9.25
CA THR A 229 -5.00 -14.16 -8.82
C THR A 229 -4.73 -14.90 -7.52
N TYR A 230 -3.47 -15.29 -7.29
CA TYR A 230 -3.13 -16.06 -6.10
C TYR A 230 -3.22 -15.19 -4.85
N GLN A 231 -2.77 -13.95 -4.96
CA GLN A 231 -2.87 -12.98 -3.87
C GLN A 231 -2.91 -11.61 -4.51
N TRP A 232 -3.18 -10.61 -3.68
CA TRP A 232 -3.23 -9.22 -4.17
C TRP A 232 -2.56 -8.28 -3.21
N GLY A 233 -2.40 -7.03 -3.64
CA GLY A 233 -1.86 -6.02 -2.75
C GLY A 233 -1.89 -4.69 -3.45
N GLY A 234 -1.00 -3.81 -3.02
CA GLY A 234 -0.98 -2.46 -3.54
C GLY A 234 0.37 -1.81 -3.50
N LEU A 235 0.62 -0.99 -4.52
CA LEU A 235 1.74 -0.08 -4.53
C LEU A 235 1.18 1.31 -4.23
N MET A 236 1.63 1.86 -3.10
CA MET A 236 1.11 3.14 -2.58
C MET A 236 2.20 4.18 -2.82
N ASP A 237 1.83 5.30 -3.45
CA ASP A 237 2.82 6.16 -4.11
C ASP A 237 2.62 7.61 -3.68
N THR A 238 3.64 8.15 -3.02
CA THR A 238 3.57 9.55 -2.57
C THR A 238 3.56 10.54 -3.75
N TRP A 239 3.85 10.06 -4.96
CA TRP A 239 3.68 10.92 -6.13
C TRP A 239 2.21 11.31 -6.35
N LYS A 240 1.28 10.65 -5.66
CA LYS A 240 -0.13 11.10 -5.73
C LYS A 240 -0.28 12.58 -5.38
N TRP A 241 0.61 13.11 -4.52
CA TRP A 241 0.53 14.52 -4.11
C TRP A 241 0.85 15.45 -5.30
N TYR A 242 1.77 15.00 -6.14
CA TYR A 242 2.09 15.67 -7.41
C TYR A 242 0.92 15.57 -8.39
N GLU A 243 0.39 14.36 -8.59
CA GLU A 243 -0.65 14.14 -9.61
C GLU A 243 -1.88 15.00 -9.31
N THR A 244 -2.16 15.21 -8.03
CA THR A 244 -3.34 15.98 -7.61
C THR A 244 -3.06 17.44 -7.40
N GLY A 245 -1.81 17.88 -7.59
CA GLY A 245 -1.55 19.32 -7.52
C GLY A 245 -1.48 19.97 -6.14
N LYS A 246 -1.28 19.16 -5.12
N LYS A 246 -1.29 19.15 -5.11
CA LYS A 246 -1.17 19.71 -3.77
CA LYS A 246 -1.19 19.68 -3.75
C LYS A 246 0.21 20.27 -3.50
C LYS A 246 0.20 20.26 -3.50
N TRP A 247 0.30 21.12 -2.49
CA TRP A 247 1.60 21.70 -2.13
C TRP A 247 1.77 21.63 -0.61
N LYS A 248 2.10 22.75 0.05
CA LYS A 248 2.30 22.77 1.51
C LYS A 248 1.09 22.14 2.22
N LEU A 249 1.36 21.36 3.25
CA LEU A 249 0.28 20.69 3.98
C LEU A 249 -0.75 21.72 4.47
N PHE A 250 -2.02 21.43 4.18
CA PHE A 250 -3.20 22.22 4.56
C PHE A 250 -3.36 23.56 3.82
N ALA A 251 -2.38 23.92 2.99
CA ALA A 251 -2.45 25.21 2.32
C ALA A 251 -3.52 25.22 1.25
N SER A 252 -4.09 26.39 0.97
CA SER A 252 -5.11 26.44 -0.08
C SER A 252 -4.49 26.69 -1.44
N GLY A 253 -5.29 26.41 -2.47
CA GLY A 253 -4.83 26.54 -3.84
C GLY A 253 -4.20 25.26 -4.37
N ASN A 254 -4.24 25.13 -5.69
CA ASN A 254 -3.72 23.96 -6.37
C ASN A 254 -2.65 24.37 -7.36
N ILE A 255 -1.52 23.67 -7.32
CA ILE A 255 -0.37 24.08 -8.12
C ILE A 255 -0.21 23.20 -9.36
N GLY A 256 -1.10 22.23 -9.54
CA GLY A 256 -0.98 21.28 -10.66
C GLY A 256 0.29 20.43 -10.54
N LYS A 257 0.65 19.85 -11.67
CA LYS A 257 1.77 18.89 -11.73
C LYS A 257 3.06 19.66 -12.01
N SER A 258 3.43 20.51 -11.07
CA SER A 258 4.43 21.56 -11.33
C SER A 258 5.69 21.49 -10.49
N GLN A 259 5.65 20.74 -9.39
CA GLN A 259 6.78 20.72 -8.43
C GLN A 259 7.02 19.31 -7.93
N GLY A 260 7.22 18.39 -8.87
CA GLY A 260 7.26 16.95 -8.61
C GLY A 260 8.05 16.57 -7.38
N ASP A 261 9.31 16.99 -7.31
CA ASP A 261 10.17 16.49 -6.26
C ASP A 261 9.85 17.05 -4.88
N ARG A 262 9.35 18.28 -4.80
CA ARG A 262 8.82 18.81 -3.54
C ARG A 262 7.52 18.09 -3.19
N GLN A 263 6.70 17.82 -4.20
CA GLN A 263 5.39 17.22 -3.97
C GLN A 263 5.46 15.77 -3.45
N TRP A 264 6.32 14.92 -4.03
CA TRP A 264 6.34 13.54 -3.55
C TRP A 264 6.94 13.37 -2.16
N LEU A 265 7.54 14.42 -1.65
CA LEU A 265 8.04 14.42 -0.28
C LEU A 265 7.00 14.86 0.74
N THR A 266 5.89 15.44 0.28
CA THR A 266 5.00 16.14 1.22
C THR A 266 3.91 15.26 1.84
N GLU A 267 3.52 14.16 1.19
CA GLU A 267 2.47 13.32 1.79
C GLU A 267 2.85 12.96 3.24
N PRO A 268 1.94 13.18 4.21
CA PRO A 268 2.25 12.80 5.59
C PRO A 268 2.64 11.32 5.74
N GLU A 269 3.65 11.05 6.57
CA GLU A 269 4.18 9.70 6.74
C GLU A 269 3.08 8.70 7.15
N SER A 270 2.29 9.07 8.16
CA SER A 270 1.26 8.19 8.67
C SER A 270 0.17 7.90 7.67
N MET A 271 -0.01 8.78 6.68
CA MET A 271 -1.04 8.54 5.65
C MET A 271 -0.73 7.29 4.83
N LEU A 272 0.55 6.93 4.67
CA LEU A 272 0.89 5.66 4.01
C LEU A 272 0.35 4.46 4.78
N GLY A 273 0.35 4.55 6.11
CA GLY A 273 -0.25 3.48 6.94
C GLY A 273 -1.77 3.40 6.77
N GLU A 274 -2.42 4.56 6.69
CA GLU A 274 -3.86 4.62 6.36
C GLU A 274 -4.19 3.93 5.04
N GLU A 275 -3.37 4.19 4.02
CA GLU A 275 -3.53 3.52 2.72
C GLU A 275 -3.32 2.02 2.86
N ALA A 276 -2.25 1.64 3.57
CA ALA A 276 -1.89 0.23 3.68
C ALA A 276 -2.93 -0.56 4.44
N LEU A 277 -3.65 0.10 5.34
CA LEU A 277 -4.75 -0.59 6.05
C LEU A 277 -5.83 -1.10 5.10
N GLY A 278 -6.09 -0.41 3.98
CA GLY A 278 -7.08 -0.87 3.01
C GLY A 278 -6.67 -2.19 2.39
N VAL A 279 -5.36 -2.41 2.28
CA VAL A 279 -4.86 -3.69 1.76
C VAL A 279 -5.07 -4.77 2.84
N TYR A 280 -4.48 -4.54 4.01
CA TYR A 280 -4.53 -5.49 5.12
C TYR A 280 -5.97 -5.92 5.49
N LEU A 281 -6.85 -4.96 5.69
CA LEU A 281 -8.17 -5.23 6.25
C LEU A 281 -9.04 -6.00 5.28
N ASN A 282 -8.57 -6.10 4.04
CA ASN A 282 -9.32 -6.74 2.99
C ASN A 282 -8.65 -7.97 2.43
N GLY A 283 -7.64 -8.45 3.15
CA GLY A 283 -6.99 -9.72 2.83
C GLY A 283 -5.82 -9.63 1.88
N GLY A 284 -5.43 -8.41 1.49
CA GLY A 284 -4.22 -8.25 0.68
C GLY A 284 -3.00 -8.49 1.53
N VAL A 285 -1.92 -8.89 0.86
CA VAL A 285 -0.69 -9.34 1.53
C VAL A 285 0.61 -8.86 0.90
N VAL A 286 0.52 -8.10 -0.19
CA VAL A 286 1.73 -7.61 -0.86
C VAL A 286 1.74 -6.09 -0.82
N TYR A 287 2.88 -5.55 -0.40
CA TYR A 287 3.02 -4.10 -0.19
C TYR A 287 4.23 -3.57 -0.92
N ASN A 288 4.09 -2.40 -1.56
CA ASN A 288 5.20 -1.75 -2.23
C ASN A 288 4.95 -0.25 -2.17
N PHE A 289 6.02 0.54 -2.19
CA PHE A 289 5.87 1.98 -2.01
C PHE A 289 6.74 2.79 -2.97
N GLU A 290 6.31 4.01 -3.25
CA GLU A 290 7.12 5.00 -3.95
C GLU A 290 6.75 6.31 -3.26
N HIS A 291 7.59 7.34 -3.31
CA HIS A 291 8.93 7.33 -3.88
C HIS A 291 9.88 6.66 -2.89
N PRO A 292 10.70 5.72 -3.38
CA PRO A 292 11.51 4.91 -2.45
C PRO A 292 12.53 5.67 -1.63
N ALA A 293 13.04 6.82 -2.10
CA ALA A 293 14.02 7.56 -1.29
C ALA A 293 13.37 8.06 0.00
N TYR A 294 12.08 8.39 -0.08
CA TYR A 294 11.30 8.82 1.06
C TYR A 294 10.72 7.63 1.84
N THR A 295 10.10 6.68 1.14
CA THR A 295 9.40 5.60 1.82
C THR A 295 10.31 4.53 2.42
N TYR A 296 11.50 4.33 1.86
CA TYR A 296 12.43 3.36 2.38
C TYR A 296 13.71 3.99 2.93
N GLY A 297 14.34 4.85 2.15
CA GLY A 297 15.56 5.52 2.60
C GLY A 297 16.60 5.67 1.52
N VAL A 298 17.80 6.06 1.97
CA VAL A 298 18.92 6.35 1.09
C VAL A 298 20.19 5.85 1.77
N ASN A 299 21.23 5.57 0.99
CA ASN A 299 22.56 5.22 1.53
C ASN A 299 22.54 4.11 2.58
N ASN A 300 21.69 3.11 2.35
CA ASN A 300 21.57 1.95 3.24
C ASN A 300 21.06 2.29 4.64
N LYS A 301 20.38 3.43 4.76
CA LYS A 301 19.77 3.89 5.99
C LYS A 301 18.27 3.92 5.83
N GLU A 302 17.56 3.54 6.88
CA GLU A 302 16.10 3.65 6.89
C GLU A 302 15.65 5.10 7.08
N SER A 303 14.73 5.54 6.21
CA SER A 303 14.04 6.82 6.45
C SER A 303 13.12 6.69 7.65
N LEU A 304 12.72 7.83 8.23
CA LEU A 304 11.82 7.80 9.39
C LEU A 304 10.44 7.30 8.98
N LEU A 305 10.05 7.55 7.74
CA LEU A 305 8.78 7.00 7.26
C LEU A 305 8.88 5.48 7.29
N PHE A 306 10.00 4.93 6.81
CA PHE A 306 10.16 3.50 6.92
C PHE A 306 10.19 3.03 8.37
N SER A 307 11.06 3.60 9.20
CA SER A 307 11.25 3.04 10.54
C SER A 307 10.03 3.20 11.45
N GLU A 308 9.33 4.33 11.35
CA GLU A 308 8.25 4.63 12.28
C GLU A 308 6.87 4.27 11.79
N VAL A 309 6.70 4.11 10.48
CA VAL A 309 5.40 3.73 9.91
C VAL A 309 5.44 2.39 9.19
N ILE A 310 6.20 2.29 8.10
CA ILE A 310 6.11 1.08 7.26
C ILE A 310 6.63 -0.18 7.95
N LYS A 311 7.79 -0.07 8.60
CA LYS A 311 8.36 -1.20 9.33
C LYS A 311 7.42 -1.70 10.43
N GLU A 312 6.85 -0.76 11.18
CA GLU A 312 5.94 -1.14 12.24
C GLU A 312 4.64 -1.75 11.70
N PHE A 313 4.12 -1.17 10.62
CA PHE A 313 2.90 -1.71 10.02
C PHE A 313 3.15 -3.12 9.52
N PHE A 314 4.26 -3.32 8.83
CA PHE A 314 4.54 -4.60 8.23
C PHE A 314 4.76 -5.66 9.31
N ARG A 315 5.46 -5.27 10.39
CA ARG A 315 5.56 -6.16 11.56
C ARG A 315 4.20 -6.56 12.10
N TYR A 316 3.28 -5.59 12.13
CA TYR A 316 1.93 -5.86 12.61
C TYR A 316 1.22 -6.92 11.75
N VAL A 317 1.34 -6.80 10.42
CA VAL A 317 0.61 -7.74 9.54
C VAL A 317 1.23 -9.14 9.50
N ILE A 318 2.48 -9.26 9.96
CA ILE A 318 3.13 -10.55 10.14
C ILE A 318 2.65 -11.16 11.46
N ALA A 319 2.61 -10.34 12.51
CA ALA A 319 2.15 -10.81 13.84
C ALA A 319 0.66 -11.15 13.88
N HIS A 320 -0.13 -10.43 13.07
CA HIS A 320 -1.58 -10.62 13.01
C HIS A 320 -1.96 -10.82 11.54
N PRO A 321 -1.83 -12.07 11.04
CA PRO A 321 -2.09 -12.29 9.62
C PRO A 321 -3.42 -11.73 9.15
N ALA A 322 -3.42 -11.15 7.95
CA ALA A 322 -4.64 -10.62 7.36
C ALA A 322 -5.70 -11.71 7.28
N PRO A 323 -6.97 -11.32 7.20
CA PRO A 323 -8.03 -12.33 7.05
C PRO A 323 -7.77 -13.19 5.82
N SER A 324 -7.93 -14.51 5.99
CA SER A 324 -7.72 -15.48 4.92
C SER A 324 -8.77 -15.32 3.83
N LYS A 325 -8.54 -15.94 2.67
CA LYS A 325 -9.53 -15.92 1.61
C LYS A 325 -10.88 -16.49 2.10
N GLU A 326 -10.80 -17.61 2.82
CA GLU A 326 -11.98 -18.23 3.39
C GLU A 326 -12.75 -17.26 4.28
N LYS A 327 -12.03 -16.56 5.16
CA LYS A 327 -12.65 -15.59 6.07
C LYS A 327 -13.29 -14.45 5.30
N VAL A 328 -12.55 -13.89 4.33
CA VAL A 328 -13.09 -12.76 3.57
C VAL A 328 -14.34 -13.17 2.77
N LEU A 329 -14.29 -14.37 2.17
CA LEU A 329 -15.47 -14.95 1.48
C LEU A 329 -16.68 -15.05 2.39
N GLU A 330 -16.47 -15.62 3.58
CA GLU A 330 -17.53 -15.75 4.60
C GLU A 330 -18.15 -14.40 4.97
N ASP A 331 -17.31 -13.36 5.02
CA ASP A 331 -17.74 -11.99 5.40
C ASP A 331 -18.35 -11.20 4.25
N THR A 332 -18.17 -11.66 3.02
CA THR A 332 -18.61 -10.90 1.85
C THR A 332 -20.10 -11.09 1.62
N LYS A 333 -20.84 -9.97 1.61
CA LYS A 333 -22.28 -10.05 1.38
C LYS A 333 -22.68 -9.72 -0.06
N VAL A 334 -21.87 -8.90 -0.73
CA VAL A 334 -22.15 -8.45 -2.10
C VAL A 334 -20.86 -8.57 -2.90
N PHE A 335 -20.95 -9.11 -4.11
CA PHE A 335 -19.80 -9.22 -5.00
C PHE A 335 -20.27 -8.74 -6.36
N ILE A 336 -19.57 -7.74 -6.90
CA ILE A 336 -19.99 -7.06 -8.11
C ILE A 336 -19.35 -7.70 -9.35
N HIS A 337 -20.16 -7.98 -10.36
CA HIS A 337 -19.62 -8.45 -11.64
C HIS A 337 -19.90 -7.40 -12.69
N GLY A 338 -18.85 -6.85 -13.29
CA GLY A 338 -19.04 -5.82 -14.30
C GLY A 338 -17.98 -4.75 -14.30
N ASP A 339 -18.07 -3.85 -15.27
CA ASP A 339 -17.05 -2.84 -15.50
C ASP A 339 -17.32 -1.51 -14.82
N TYR A 340 -16.48 -1.15 -13.86
CA TYR A 340 -16.54 0.17 -13.28
C TYR A 340 -16.36 1.31 -14.29
N SER A 341 -15.65 1.05 -15.39
CA SER A 341 -15.42 2.08 -16.40
C SER A 341 -16.70 2.60 -17.03
N ASN A 342 -17.78 1.82 -16.93
CA ASN A 342 -19.06 2.27 -17.45
C ASN A 342 -20.04 2.76 -16.39
N LYS A 343 -19.57 2.82 -15.15
CA LYS A 343 -20.41 3.28 -14.04
C LYS A 343 -19.72 4.38 -13.23
N GLY A 344 -18.92 5.19 -13.92
CA GLY A 344 -18.32 6.39 -13.33
C GLY A 344 -16.96 6.21 -12.71
N ASN A 345 -16.34 5.05 -12.94
CA ASN A 345 -15.04 4.75 -12.34
C ASN A 345 -15.09 4.99 -10.83
N GLY A 346 -14.11 5.69 -10.26
CA GLY A 346 -14.12 5.97 -8.82
C GLY A 346 -15.33 6.73 -8.28
N LYS A 347 -16.05 7.44 -9.16
CA LYS A 347 -17.30 8.09 -8.72
C LYS A 347 -18.30 7.10 -8.15
N PHE A 348 -18.20 5.83 -8.57
CA PHE A 348 -19.10 4.76 -8.08
C PHE A 348 -19.17 4.73 -6.55
N PHE A 349 -18.03 4.97 -5.90
CA PHE A 349 -17.97 4.85 -4.44
C PHE A 349 -18.00 6.17 -3.69
N VAL A 350 -17.99 7.29 -4.40
CA VAL A 350 -18.02 8.60 -3.73
C VAL A 350 -19.35 8.78 -3.01
N ASN A 351 -19.27 9.19 -1.75
N ASN A 351 -19.28 9.19 -1.74
CA ASN A 351 -20.43 9.26 -0.84
CA ASN A 351 -20.47 9.29 -0.87
C ASN A 351 -21.14 7.93 -0.65
C ASN A 351 -21.10 7.92 -0.54
N VAL A 352 -20.42 6.85 -0.92
CA VAL A 352 -20.80 5.49 -0.47
C VAL A 352 -19.79 5.13 0.61
N ASN A 353 -18.52 4.95 0.22
CA ASN A 353 -17.46 4.77 1.21
C ASN A 353 -16.19 5.61 1.00
N THR A 354 -16.20 6.53 0.03
CA THR A 354 -15.10 7.50 -0.11
C THR A 354 -15.66 8.91 -0.06
N ASP A 355 -14.86 9.86 0.43
CA ASP A 355 -15.41 11.21 0.66
C ASP A 355 -15.27 12.18 -0.50
N ARG A 356 -14.57 11.76 -1.56
CA ARG A 356 -14.25 12.64 -2.67
C ARG A 356 -13.73 11.77 -3.80
N GLU A 357 -13.63 12.36 -4.99
CA GLU A 357 -13.21 11.62 -6.17
C GLU A 357 -11.76 11.22 -6.16
N GLN A 358 -10.90 12.06 -5.57
CA GLN A 358 -9.46 11.84 -5.58
C GLN A 358 -8.95 11.63 -4.16
N THR A 359 -9.00 10.37 -3.73
CA THR A 359 -8.47 9.98 -2.42
C THR A 359 -8.09 8.51 -2.40
N PRO A 360 -7.04 8.15 -1.66
CA PRO A 360 -6.71 6.75 -1.46
C PRO A 360 -7.27 6.19 -0.15
N LEU A 361 -8.14 6.96 0.51
CA LEU A 361 -8.71 6.58 1.80
C LEU A 361 -10.20 6.31 1.69
N TYR A 362 -10.75 5.73 2.76
CA TYR A 362 -12.18 5.50 2.88
C TYR A 362 -12.77 6.28 4.05
N MET A 363 -14.07 6.56 3.98
N MET A 363 -14.07 6.55 3.99
CA MET A 363 -14.71 7.34 5.05
CA MET A 363 -14.70 7.34 5.05
C MET A 363 -15.51 6.46 6.00
C MET A 363 -15.62 6.50 5.94
N THR A 364 -15.81 5.25 5.57
CA THR A 364 -16.47 4.26 6.42
C THR A 364 -15.95 2.87 6.10
N GLY A 365 -15.85 2.02 7.13
CA GLY A 365 -15.56 0.59 6.95
C GLY A 365 -16.78 -0.32 6.91
N ARG A 366 -17.97 0.30 6.88
CA ARG A 366 -19.24 -0.44 6.98
C ARG A 366 -19.37 -1.56 5.96
N TYR A 367 -18.88 -1.29 4.74
CA TYR A 367 -18.94 -2.26 3.65
C TYR A 367 -17.58 -2.89 3.38
N ASN A 368 -16.59 -2.58 4.23
CA ASN A 368 -15.16 -2.73 3.89
C ASN A 368 -14.91 -2.37 2.43
N VAL A 369 -14.18 -3.17 1.67
CA VAL A 369 -14.05 -2.95 0.23
C VAL A 369 -14.97 -3.96 -0.45
N ILE A 370 -15.92 -3.47 -1.24
CA ILE A 370 -16.84 -4.37 -1.95
C ILE A 370 -16.04 -4.97 -3.11
N PRO A 371 -15.94 -6.32 -3.17
CA PRO A 371 -15.12 -6.92 -4.22
C PRO A 371 -15.84 -6.96 -5.56
N ALA A 372 -15.08 -6.91 -6.65
CA ALA A 372 -15.65 -6.95 -7.99
C ALA A 372 -14.68 -7.61 -8.92
N ILE A 373 -15.19 -8.12 -10.04
CA ILE A 373 -14.33 -8.46 -11.20
C ILE A 373 -14.93 -7.85 -12.46
N PRO A 374 -14.06 -7.57 -13.46
CA PRO A 374 -14.54 -7.01 -14.73
C PRO A 374 -15.59 -7.89 -15.41
N GLY A 375 -16.45 -7.27 -16.21
CA GLY A 375 -17.51 -7.97 -16.90
C GLY A 375 -17.06 -9.09 -17.83
N VAL A 376 -15.83 -9.01 -18.32
CA VAL A 376 -15.32 -10.04 -19.23
C VAL A 376 -15.11 -11.38 -18.54
N LEU A 377 -14.92 -11.36 -17.22
CA LEU A 377 -14.64 -12.58 -16.49
C LEU A 377 -15.91 -13.30 -16.04
N LYS A 378 -15.75 -14.56 -15.66
CA LYS A 378 -16.84 -15.36 -15.14
C LYS A 378 -16.70 -15.59 -13.64
N THR A 379 -17.82 -15.83 -12.97
CA THR A 379 -17.79 -16.06 -11.52
C THR A 379 -17.87 -17.55 -11.16
N ASP A 380 -17.57 -18.43 -12.12
CA ASP A 380 -17.68 -19.89 -11.93
C ASP A 380 -16.84 -20.42 -10.77
N LYS A 381 -15.55 -20.05 -10.75
CA LYS A 381 -14.65 -20.47 -9.68
C LYS A 381 -15.09 -19.90 -8.31
N LEU A 382 -15.58 -18.66 -8.29
CA LEU A 382 -16.13 -18.07 -7.06
C LEU A 382 -17.29 -18.91 -6.52
N LYS A 383 -18.26 -19.22 -7.38
CA LYS A 383 -19.43 -20.01 -7.01
C LYS A 383 -19.07 -21.44 -6.61
N GLU A 384 -17.95 -21.94 -7.11
CA GLU A 384 -17.49 -23.29 -6.80
C GLU A 384 -16.92 -23.40 -5.38
N SER A 385 -16.60 -22.26 -4.78
CA SER A 385 -16.06 -22.24 -3.42
C SER A 385 -17.10 -22.64 -2.39
N VAL A 386 -16.65 -23.42 -1.42
CA VAL A 386 -17.51 -23.87 -0.32
C VAL A 386 -17.89 -22.73 0.62
N SER A 387 -17.18 -21.60 0.49
CA SER A 387 -17.34 -20.45 1.39
C SER A 387 -18.14 -19.28 0.79
N SER A 388 -18.65 -19.46 -0.42
CA SER A 388 -19.29 -18.38 -1.16
C SER A 388 -20.83 -18.46 -1.25
N SER A 389 -21.42 -19.41 -0.52
CA SER A 389 -22.87 -19.70 -0.68
C SER A 389 -23.82 -18.59 -0.24
N ARG A 390 -23.34 -17.67 0.61
CA ARG A 390 -24.19 -16.60 1.12
C ARG A 390 -23.86 -15.24 0.51
N ILE A 391 -23.08 -15.26 -0.57
CA ILE A 391 -22.72 -14.05 -1.29
C ILE A 391 -23.78 -13.73 -2.36
N GLN A 392 -24.27 -12.50 -2.38
CA GLN A 392 -25.09 -12.04 -3.50
C GLN A 392 -24.16 -11.54 -4.60
N ILE A 393 -24.13 -12.27 -5.71
CA ILE A 393 -23.33 -11.88 -6.87
C ILE A 393 -24.24 -11.07 -7.79
N LYS A 394 -23.89 -9.80 -7.99
CA LYS A 394 -24.74 -8.86 -8.70
C LYS A 394 -24.04 -8.20 -9.87
N GLU A 395 -24.72 -8.14 -11.01
CA GLU A 395 -24.24 -7.35 -12.15
C GLU A 395 -24.15 -5.90 -11.78
N ILE A 396 -23.08 -5.23 -12.22
CA ILE A 396 -22.90 -3.80 -11.95
C ILE A 396 -23.99 -2.96 -12.59
N THR A 397 -24.65 -3.52 -13.61
CA THR A 397 -25.73 -2.86 -14.31
C THR A 397 -27.10 -3.02 -13.62
N SER A 398 -27.11 -3.76 -12.51
CA SER A 398 -28.32 -3.91 -11.65
C SER A 398 -28.86 -2.55 -11.19
N PRO A 399 -30.19 -2.43 -11.05
CA PRO A 399 -30.76 -1.18 -10.55
C PRO A 399 -30.20 -0.77 -9.18
N GLU A 400 -29.81 -1.74 -8.38
CA GLU A 400 -29.22 -1.50 -7.05
C GLU A 400 -27.95 -0.64 -7.09
N PHE A 401 -27.27 -0.63 -8.24
CA PHE A 401 -26.02 0.12 -8.37
C PHE A 401 -26.14 1.33 -9.29
N SER A 402 -27.37 1.69 -9.67
CA SER A 402 -27.59 2.72 -10.69
C SER A 402 -27.24 4.13 -10.24
N SER A 403 -27.27 4.37 -8.93
CA SER A 403 -26.98 5.71 -8.39
C SER A 403 -26.32 5.60 -7.02
N THR A 404 -25.74 6.71 -6.55
CA THR A 404 -25.18 6.77 -5.21
C THR A 404 -26.20 6.34 -4.15
N GLN A 405 -27.41 6.91 -4.20
N GLN A 405 -27.40 6.92 -4.23
CA GLN A 405 -28.41 6.57 -3.19
CA GLN A 405 -28.45 6.61 -3.28
C GLN A 405 -28.88 5.12 -3.28
C GLN A 405 -28.85 5.14 -3.30
N ALA A 406 -29.03 4.60 -4.50
CA ALA A 406 -29.39 3.20 -4.71
C ALA A 406 -28.35 2.25 -4.10
N ARG A 407 -27.07 2.60 -4.29
CA ARG A 407 -26.00 1.76 -3.76
C ARG A 407 -26.06 1.64 -2.24
N LYS A 408 -26.23 2.76 -1.56
CA LYS A 408 -26.33 2.73 -0.11
C LYS A 408 -27.57 2.02 0.38
N GLU A 409 -28.71 2.25 -0.28
CA GLU A 409 -29.95 1.61 0.15
C GLU A 409 -29.84 0.09 0.01
N TYR A 410 -29.19 -0.39 -1.04
CA TYR A 410 -28.99 -1.81 -1.20
C TYR A 410 -27.96 -2.37 -0.20
N LEU A 411 -26.80 -1.73 -0.14
CA LEU A 411 -25.72 -2.24 0.70
C LEU A 411 -26.11 -2.23 2.17
N ASN A 412 -26.86 -1.20 2.57
CA ASN A 412 -27.30 -1.06 3.96
C ASN A 412 -28.23 -2.16 4.46
N LYS A 413 -28.93 -2.83 3.54
CA LYS A 413 -29.75 -4.01 3.90
C LYS A 413 -28.89 -5.18 4.32
N LEU A 414 -27.64 -5.23 3.84
CA LEU A 414 -26.79 -6.40 3.99
C LEU A 414 -25.59 -6.17 4.91
N TYR A 415 -25.22 -4.92 5.05
CA TYR A 415 -24.11 -4.52 5.93
C TYR A 415 -24.68 -3.58 6.98
N PRO A 416 -24.85 -4.07 8.22
CA PRO A 416 -25.44 -3.22 9.25
C PRO A 416 -24.51 -2.09 9.68
N MET A 417 -25.09 -0.97 10.12
CA MET A 417 -24.30 0.10 10.71
C MET A 417 -23.70 -0.46 12.00
N ASN A 418 -22.39 -0.28 12.17
CA ASN A 418 -21.74 -0.88 13.33
C ASN A 418 -20.87 0.07 14.16
N TYR A 419 -20.94 1.36 13.85
CA TYR A 419 -20.39 2.40 14.72
C TYR A 419 -21.06 3.72 14.43
N GLU A 420 -20.76 4.74 15.23
CA GLU A 420 -21.28 6.07 14.98
C GLU A 420 -20.15 7.07 14.85
N GLY A 421 -20.42 8.17 14.14
CA GLY A 421 -19.44 9.23 13.98
C GLY A 421 -18.89 9.33 12.57
N ASP A 422 -18.45 10.54 12.24
CA ASP A 422 -17.93 10.84 10.93
C ASP A 422 -16.40 10.67 10.95
N ILE A 423 -15.99 9.41 10.77
CA ILE A 423 -14.59 8.99 10.88
C ILE A 423 -14.53 7.60 10.24
N PHE A 424 -13.36 7.17 9.77
CA PHE A 424 -13.27 5.80 9.25
C PHE A 424 -13.09 4.82 10.40
N ALA A 425 -13.92 3.78 10.44
CA ALA A 425 -13.66 2.68 11.38
C ALA A 425 -14.08 1.35 10.77
N GLN A 426 -13.33 0.30 11.08
CA GLN A 426 -13.68 -1.04 10.61
C GLN A 426 -13.33 -2.03 11.71
N LYS A 427 -14.22 -2.99 11.94
CA LYS A 427 -13.99 -3.98 12.98
C LYS A 427 -13.59 -5.32 12.39
N LEU A 428 -12.58 -5.94 13.00
CA LEU A 428 -12.16 -7.28 12.64
C LEU A 428 -11.95 -8.02 13.96
N ASP A 429 -12.63 -9.15 14.12
CA ASP A 429 -12.65 -9.85 15.42
C ASP A 429 -12.79 -8.89 16.62
N ASN A 430 -11.79 -8.85 17.50
CA ASN A 430 -11.85 -8.02 18.71
C ASN A 430 -11.12 -6.69 18.55
N ARG A 431 -10.92 -6.30 17.29
CA ARG A 431 -10.13 -5.13 16.97
C ARG A 431 -10.92 -4.07 16.22
N TRP A 432 -10.89 -2.84 16.73
CA TRP A 432 -11.37 -1.69 15.97
C TRP A 432 -10.18 -0.99 15.33
N PHE A 433 -10.27 -0.79 14.01
CA PHE A 433 -9.27 -0.02 13.24
C PHE A 433 -9.91 1.31 12.90
N VAL A 434 -9.24 2.41 13.25
CA VAL A 434 -9.83 3.74 13.11
C VAL A 434 -8.82 4.66 12.42
N TYR A 435 -9.28 5.49 11.51
CA TYR A 435 -8.46 6.62 11.07
C TYR A 435 -9.27 7.83 10.68
N ASN A 436 -8.64 9.00 10.81
CA ASN A 436 -9.24 10.24 10.30
C ASN A 436 -9.01 10.24 8.79
N TYR A 437 -10.08 10.43 8.03
CA TYR A 437 -9.99 10.26 6.57
C TYR A 437 -9.69 11.54 5.78
N LYS A 438 -9.48 12.64 6.48
CA LYS A 438 -9.15 13.88 5.75
C LYS A 438 -7.80 13.75 5.05
N VAL A 439 -7.69 14.32 3.86
CA VAL A 439 -6.45 14.22 3.10
C VAL A 439 -5.60 15.45 3.36
N ASN A 440 -6.20 16.62 3.18
CA ASN A 440 -5.42 17.86 3.21
C ASN A 440 -6.23 18.99 3.85
N GLU A 441 -7.06 18.60 4.83
CA GLU A 441 -7.94 19.54 5.55
C GLU A 441 -7.68 19.29 7.01
N ASN A 442 -7.40 20.36 7.76
CA ASN A 442 -6.98 20.19 9.13
C ASN A 442 -8.18 20.17 10.08
N VAL A 443 -8.86 19.03 10.09
CA VAL A 443 -10.15 18.88 10.75
C VAL A 443 -10.14 17.61 11.59
N LYS A 444 -10.46 17.75 12.87
CA LYS A 444 -10.55 16.61 13.79
C LYS A 444 -11.81 15.80 13.52
N GLN A 445 -11.74 14.49 13.73
CA GLN A 445 -12.89 13.63 13.57
C GLN A 445 -13.11 12.80 14.83
N THR A 446 -14.38 12.47 15.07
CA THR A 446 -14.74 11.70 16.25
C THR A 446 -15.61 10.51 15.89
N GLY A 447 -15.51 9.47 16.71
CA GLY A 447 -16.35 8.29 16.53
C GLY A 447 -16.65 7.62 17.85
N LYS A 448 -17.74 6.86 17.84
CA LYS A 448 -18.13 6.05 19.00
C LYS A 448 -18.12 4.60 18.54
N LEU A 449 -17.25 3.81 19.17
CA LEU A 449 -17.04 2.40 18.88
C LEU A 449 -17.45 1.63 20.12
N LYS A 450 -17.92 0.39 19.94
CA LYS A 450 -18.24 -0.46 21.10
C LYS A 450 -17.55 -1.80 21.01
N PHE A 451 -17.18 -2.33 22.18
CA PHE A 451 -16.76 -3.72 22.30
C PHE A 451 -17.84 -4.31 23.22
N ASN A 452 -18.89 -4.86 22.63
CA ASN A 452 -20.09 -5.25 23.40
C ASN A 452 -20.64 -4.04 24.17
N SER A 453 -20.64 -4.05 25.51
CA SER A 453 -21.21 -2.94 26.27
C SER A 453 -20.20 -1.83 26.55
N LEU A 454 -18.93 -2.11 26.31
CA LEU A 454 -17.87 -1.12 26.56
C LEU A 454 -17.89 -0.10 25.45
N GLU A 455 -18.06 1.17 25.80
CA GLU A 455 -18.06 2.23 24.81
C GLU A 455 -16.70 2.91 24.74
N MET A 456 -16.21 3.12 23.52
CA MET A 456 -14.93 3.82 23.32
C MET A 456 -15.17 4.95 22.34
N ASN A 457 -15.03 6.19 22.82
CA ASN A 457 -15.14 7.36 21.94
C ASN A 457 -13.75 7.85 21.64
N VAL A 458 -13.49 8.19 20.39
CA VAL A 458 -12.16 8.68 20.03
C VAL A 458 -12.24 10.01 19.33
N GLU A 459 -11.19 10.82 19.49
N GLU A 459 -11.19 10.82 19.47
CA GLU A 459 -11.00 12.06 18.73
CA GLU A 459 -11.04 12.03 18.67
C GLU A 459 -9.62 12.02 18.10
C GLU A 459 -9.63 12.05 18.09
N PHE A 460 -9.56 12.12 16.77
CA PHE A 460 -8.32 11.99 15.99
C PHE A 460 -8.11 13.21 15.09
N GLU A 461 -6.90 13.75 15.09
CA GLU A 461 -6.51 14.71 14.06
C GLU A 461 -6.30 13.96 12.74
N PRO A 462 -6.19 14.70 11.62
CA PRO A 462 -5.80 14.06 10.36
C PRO A 462 -4.50 13.27 10.45
N HIS A 463 -4.36 12.28 9.58
CA HIS A 463 -3.13 11.50 9.45
C HIS A 463 -2.82 10.82 10.78
N THR A 464 -3.85 10.13 11.27
CA THR A 464 -3.79 9.40 12.54
C THR A 464 -4.59 8.13 12.35
N TYR A 465 -3.96 6.98 12.58
CA TYR A 465 -4.68 5.71 12.67
C TYR A 465 -4.42 5.02 13.97
N GLY A 466 -5.39 4.22 14.39
CA GLY A 466 -5.26 3.47 15.63
C GLY A 466 -5.85 2.09 15.51
N ILE A 467 -5.28 1.17 16.26
CA ILE A 467 -5.81 -0.18 16.37
C ILE A 467 -6.07 -0.46 17.83
N PHE A 468 -7.31 -0.81 18.14
CA PHE A 468 -7.77 -0.95 19.52
C PHE A 468 -8.28 -2.38 19.68
N GLU A 469 -7.54 -3.18 20.45
CA GLU A 469 -7.84 -4.60 20.59
C GLU A 469 -8.33 -4.89 22.00
N ARG A 470 -9.56 -5.41 22.13
CA ARG A 470 -10.06 -5.82 23.43
C ARG A 470 -9.41 -7.14 23.80
N ILE A 471 -8.65 -7.11 24.89
CA ILE A 471 -7.91 -8.28 25.36
C ILE A 471 -8.49 -8.66 26.73
N SER A 472 -8.24 -9.89 27.16
CA SER A 472 -8.83 -10.35 28.41
C SER A 472 -8.62 -9.38 29.59
N ASN A 473 -7.45 -8.76 29.69
CA ASN A 473 -7.23 -7.85 30.83
C ASN A 473 -7.44 -6.34 30.55
N GLY A 474 -7.88 -6.00 29.34
CA GLY A 474 -8.20 -4.62 29.05
C GLY A 474 -8.19 -4.28 27.58
N LEU A 475 -7.32 -3.36 27.20
CA LEU A 475 -7.26 -2.88 25.82
C LEU A 475 -5.82 -2.69 25.39
N LYS A 476 -5.45 -3.27 24.25
CA LYS A 476 -4.17 -2.98 23.62
C LYS A 476 -4.39 -1.86 22.60
N VAL A 477 -3.53 -0.84 22.67
CA VAL A 477 -3.61 0.32 21.79
C VAL A 477 -2.34 0.43 20.94
N ASN A 478 -2.51 0.51 19.62
CA ASN A 478 -1.44 0.92 18.73
C ASN A 478 -1.92 2.17 18.05
N LEU A 479 -1.12 3.24 18.12
CA LEU A 479 -1.49 4.53 17.53
C LEU A 479 -0.36 4.97 16.64
N ASN A 480 -0.68 5.52 15.48
CA ASN A 480 0.37 6.14 14.66
C ASN A 480 -0.13 7.43 14.07
N ASN A 481 0.54 8.52 14.44
CA ASN A 481 0.21 9.81 13.87
C ASN A 481 1.49 10.52 13.43
N PHE A 482 2.48 9.73 13.04
CA PHE A 482 3.78 10.31 12.67
C PHE A 482 3.69 11.18 11.43
N ARG A 483 4.08 12.45 11.58
CA ARG A 483 4.00 13.42 10.50
C ARG A 483 5.03 14.49 10.77
N THR A 484 6.08 14.51 9.96
CA THR A 484 7.10 15.54 10.10
C THR A 484 6.69 16.81 9.38
N ASN A 485 7.38 17.89 9.69
CA ASN A 485 7.07 19.19 9.12
C ASN A 485 7.79 19.37 7.79
N LYS A 486 7.03 19.46 6.70
CA LYS A 486 7.60 19.65 5.36
C LYS A 486 7.56 21.08 4.87
N ASP A 487 7.19 22.02 5.74
CA ASP A 487 7.04 23.42 5.31
C ASP A 487 8.31 24.01 4.70
N SER A 488 9.47 23.53 5.13
CA SER A 488 10.74 24.03 4.59
C SER A 488 10.82 23.91 3.06
N LEU A 489 10.24 22.83 2.52
CA LEU A 489 10.22 22.63 1.08
C LEU A 489 9.43 23.68 0.35
N TRP A 490 8.54 24.36 1.07
CA TRP A 490 7.60 25.30 0.48
C TRP A 490 7.89 26.71 0.97
N SER A 491 9.09 26.89 1.56
CA SER A 491 9.62 28.23 1.90
C SER A 491 9.56 29.15 0.70
N ASN A 492 9.41 30.45 0.97
CA ASN A 492 9.43 31.49 -0.05
C ASN A 492 8.19 31.54 -0.93
N ALA A 493 7.16 30.78 -0.56
CA ALA A 493 5.93 30.79 -1.33
C ALA A 493 4.78 31.03 -0.38
N GLN A 494 4.12 32.18 -0.51
N GLN A 494 4.15 32.19 -0.53
CA GLN A 494 3.01 32.52 0.39
CA GLN A 494 3.03 32.56 0.33
C GLN A 494 1.62 32.27 -0.22
C GLN A 494 1.75 31.90 -0.13
N ASP A 495 1.61 31.74 -1.44
CA ASP A 495 0.37 31.29 -2.07
C ASP A 495 0.70 30.26 -3.16
N ALA A 496 -0.34 29.66 -3.72
CA ALA A 496 -0.18 28.66 -4.78
C ALA A 496 0.53 29.19 -6.03
N ASN A 497 0.22 30.43 -6.42
CA ASN A 497 0.90 31.03 -7.58
C ASN A 497 2.42 31.05 -7.38
N GLN A 498 2.86 31.50 -6.20
CA GLN A 498 4.30 31.54 -5.90
C GLN A 498 4.87 30.12 -5.80
N ALA A 499 4.10 29.20 -5.24
CA ALA A 499 4.60 27.83 -5.06
C ALA A 499 4.82 27.13 -6.40
N LYS A 500 3.91 27.35 -7.34
CA LYS A 500 4.03 26.75 -8.68
C LYS A 500 5.33 27.25 -9.34
N LYS A 501 5.73 28.47 -8.99
CA LYS A 501 6.88 29.15 -9.61
C LYS A 501 8.22 28.93 -8.93
N LEU A 502 8.24 28.17 -7.83
CA LEU A 502 9.51 27.90 -7.15
C LEU A 502 10.50 27.22 -8.08
N PRO A 503 11.80 27.41 -7.82
CA PRO A 503 12.76 26.63 -8.58
C PRO A 503 12.50 25.13 -8.36
N GLN A 504 12.71 24.32 -9.39
CA GLN A 504 12.58 22.87 -9.22
C GLN A 504 13.55 22.35 -8.19
N LEU A 505 13.07 21.50 -7.29
CA LEU A 505 13.96 20.83 -6.37
C LEU A 505 14.86 19.86 -7.12
N THR A 506 14.30 19.20 -8.14
CA THR A 506 14.96 18.15 -8.97
C THR A 506 15.13 16.83 -8.22
N LYS A 507 15.35 15.78 -9.00
CA LYS A 507 15.56 14.44 -8.47
C LYS A 507 16.78 14.41 -7.56
N LYS A 508 17.91 14.90 -8.07
CA LYS A 508 19.13 14.91 -7.27
C LYS A 508 18.99 15.81 -6.06
N GLY A 509 18.25 16.91 -6.24
CA GLY A 509 18.01 17.85 -5.16
C GLY A 509 17.20 17.21 -4.04
N ALA A 510 16.20 16.41 -4.42
CA ALA A 510 15.37 15.73 -3.44
C ALA A 510 16.16 14.69 -2.63
N ILE A 511 16.99 13.93 -3.33
CA ILE A 511 17.87 12.97 -2.66
C ILE A 511 18.78 13.68 -1.67
N LYS A 512 19.35 14.82 -2.08
CA LYS A 512 20.19 15.62 -1.20
C LYS A 512 19.40 16.15 0.01
N TRP A 513 18.16 16.59 -0.23
CA TRP A 513 17.31 17.06 0.85
C TRP A 513 17.04 15.95 1.87
N ILE A 514 16.75 14.75 1.38
CA ILE A 514 16.56 13.63 2.26
C ILE A 514 17.84 13.41 3.11
N GLU A 515 19.00 13.36 2.47
CA GLU A 515 20.26 13.18 3.20
C GLU A 515 20.48 14.23 4.27
N GLU A 516 20.27 15.50 3.89
CA GLU A 516 20.69 16.62 4.73
C GLU A 516 19.65 17.08 5.75
N HIS A 517 18.37 16.77 5.50
CA HIS A 517 17.27 17.36 6.28
C HIS A 517 16.21 16.37 6.70
N TYR A 518 16.35 15.11 6.29
CA TYR A 518 15.39 14.09 6.73
C TYR A 518 16.04 12.93 7.47
N ILE A 519 17.12 12.37 6.90
CA ILE A 519 17.92 11.36 7.58
C ILE A 519 18.55 11.96 8.85
N LYS A 520 18.96 13.22 8.76
CA LYS A 520 19.46 13.94 9.91
C LYS A 520 18.83 15.33 9.95
N ASP A 521 18.90 15.96 11.12
CA ASP A 521 18.44 17.35 11.29
C ASP A 521 16.96 17.48 10.91
N THR A 522 16.22 16.42 11.22
CA THR A 522 14.82 16.30 10.85
C THR A 522 14.00 17.38 11.52
N GLN A 523 13.12 18.02 10.75
CA GLN A 523 12.17 18.97 11.30
C GLN A 523 10.93 18.21 11.71
N PHE A 524 10.93 17.72 12.94
CA PHE A 524 9.81 16.90 13.43
C PHE A 524 8.55 17.75 13.55
N GLY A 525 7.39 17.13 13.40
CA GLY A 525 6.13 17.84 13.57
C GLY A 525 5.86 18.07 15.04
N GLU A 526 4.92 18.95 15.34
CA GLU A 526 4.54 19.16 16.72
C GLU A 526 3.78 17.95 17.26
N LYS A 527 3.95 17.69 18.55
CA LYS A 527 3.05 16.77 19.22
C LYS A 527 1.62 17.27 19.10
N ARG A 528 0.68 16.33 18.95
CA ARG A 528 -0.71 16.68 18.81
C ARG A 528 -1.58 15.70 19.57
N VAL A 529 -2.77 16.15 19.92
CA VAL A 529 -3.61 15.42 20.89
C VAL A 529 -4.54 14.39 20.25
N THR A 530 -4.53 13.19 20.83
CA THR A 530 -5.55 12.15 20.59
C THR A 530 -6.32 11.92 21.90
N LYS A 531 -7.64 11.82 21.82
CA LYS A 531 -8.46 11.55 23.00
C LYS A 531 -9.14 10.22 22.84
N ILE A 532 -9.10 9.41 23.90
CA ILE A 532 -9.81 8.14 23.95
C ILE A 532 -10.62 8.13 25.24
N VAL A 533 -11.93 7.93 25.12
CA VAL A 533 -12.80 7.89 26.30
C VAL A 533 -13.43 6.51 26.40
N LEU A 534 -13.29 5.86 27.55
CA LEU A 534 -13.92 4.56 27.77
C LEU A 534 -15.02 4.70 28.80
N ARG A 535 -16.20 4.22 28.48
CA ARG A 535 -17.33 4.27 29.39
C ARG A 535 -17.75 2.85 29.72
N GLY A 536 -17.90 2.60 31.02
CA GLY A 536 -18.24 1.26 31.52
C GLY A 536 -17.07 0.57 32.19
N ILE A 537 -16.30 1.34 32.97
CA ILE A 537 -15.06 0.90 33.61
C ILE A 537 -15.23 0.88 35.11
N ASP A 538 -14.72 -0.16 35.76
CA ASP A 538 -14.88 -0.36 37.21
C ASP A 538 -14.01 0.59 38.04
N LYS A 539 -12.70 0.57 37.78
CA LYS A 539 -11.73 1.38 38.52
C LYS A 539 -10.72 2.01 37.56
N LEU A 540 -9.97 3.00 38.05
CA LEU A 540 -8.89 3.62 37.28
C LEU A 540 -8.04 2.56 36.58
N PRO A 541 -7.99 2.59 35.23
CA PRO A 541 -7.14 1.62 34.54
C PRO A 541 -5.66 1.84 34.82
N THR A 542 -4.88 0.78 34.64
CA THR A 542 -3.43 0.87 34.74
C THR A 542 -2.82 0.75 33.34
N ILE A 543 -1.72 1.47 33.14
CA ILE A 543 -1.02 1.45 31.84
C ILE A 543 0.22 0.55 31.90
N HIS A 544 0.46 -0.18 30.82
CA HIS A 544 1.50 -1.18 30.77
C HIS A 544 2.17 -1.18 29.41
N SER A 545 3.45 -1.56 29.38
CA SER A 545 4.18 -1.78 28.14
C SER A 545 4.10 -0.59 27.18
N LEU A 546 4.30 0.61 27.72
CA LEU A 546 4.29 1.85 26.96
C LEU A 546 5.60 2.01 26.22
N SER A 547 5.52 2.15 24.90
CA SER A 547 6.70 2.41 24.07
C SER A 547 6.25 3.15 22.82
N GLY A 548 7.22 3.65 22.06
CA GLY A 548 6.92 4.40 20.85
C GLY A 548 8.13 5.11 20.30
N THR A 549 7.93 5.87 19.23
CA THR A 549 9.00 6.63 18.62
C THR A 549 9.74 7.43 19.70
N ASN A 550 11.06 7.32 19.71
N ASN A 550 11.07 7.34 19.68
CA ASN A 550 11.86 8.00 20.73
CA ASN A 550 11.91 8.07 20.63
C ASN A 550 11.62 9.50 20.74
C ASN A 550 11.55 9.55 20.71
N ASN A 551 11.38 10.06 21.94
CA ASN A 551 11.15 11.49 22.17
C ASN A 551 9.91 12.08 21.53
N SER A 552 8.92 11.24 21.24
CA SER A 552 7.81 11.66 20.42
C SER A 552 6.49 11.73 21.18
N TYR A 553 6.49 11.35 22.46
CA TYR A 553 5.24 11.34 23.20
C TYR A 553 5.39 11.77 24.66
N ASP A 554 4.41 12.54 25.13
CA ASP A 554 4.25 12.79 26.56
C ASP A 554 3.65 11.54 27.21
N GLN A 555 3.79 11.41 28.52
CA GLN A 555 3.11 10.35 29.24
C GLN A 555 1.61 10.50 29.05
N PRO A 556 0.92 9.39 28.68
CA PRO A 556 -0.52 9.48 28.54
C PRO A 556 -1.15 9.91 29.86
N SER A 557 -2.20 10.73 29.77
CA SER A 557 -2.93 11.20 30.93
C SER A 557 -4.17 10.34 31.11
N LEU A 558 -4.34 9.76 32.31
CA LEU A 558 -5.50 8.96 32.63
C LEU A 558 -6.32 9.71 33.66
N ASN A 559 -7.55 10.05 33.29
CA ASN A 559 -8.45 10.77 34.17
C ASN A 559 -9.70 9.94 34.42
N PHE A 560 -9.74 9.28 35.58
CA PHE A 560 -10.86 8.42 35.97
C PHE A 560 -11.95 9.16 36.75
N ASP A 561 -13.19 8.99 36.29
CA ASP A 561 -14.37 9.59 36.90
C ASP A 561 -15.19 8.45 37.49
N GLN A 562 -14.99 8.21 38.79
CA GLN A 562 -15.60 7.12 39.53
C GLN A 562 -17.12 7.09 39.39
N LYS A 563 -17.73 8.26 39.57
CA LYS A 563 -19.19 8.38 39.58
C LYS A 563 -19.80 7.89 38.27
N ASN A 564 -19.15 8.25 37.16
CA ASN A 564 -19.64 7.92 35.82
C ASN A 564 -18.97 6.70 35.19
N HIS A 565 -18.12 6.03 35.97
CA HIS A 565 -17.42 4.81 35.57
C HIS A 565 -16.80 4.95 34.18
N MET A 566 -15.99 5.99 34.04
CA MET A 566 -15.42 6.31 32.76
C MET A 566 -14.01 6.86 32.93
N VAL A 567 -13.18 6.65 31.91
CA VAL A 567 -11.83 7.17 31.94
C VAL A 567 -11.61 7.94 30.65
N THR A 568 -10.97 9.10 30.79
CA THR A 568 -10.57 9.91 29.65
C THR A 568 -9.07 9.79 29.52
N ILE A 569 -8.63 9.29 28.36
CA ILE A 569 -7.21 9.14 28.08
C ILE A 569 -6.80 10.22 27.09
N THR A 570 -5.84 11.06 27.51
CA THR A 570 -5.31 12.10 26.63
C THR A 570 -3.85 11.80 26.27
N ILE A 571 -3.58 11.75 24.96
CA ILE A 571 -2.26 11.47 24.43
C ILE A 571 -1.79 12.68 23.62
N ASN A 572 -0.55 13.08 23.82
CA ASN A 572 0.06 14.18 23.09
C ASN A 572 1.36 13.64 22.49
N SER A 573 1.34 13.44 21.17
CA SER A 573 2.38 12.68 20.53
C SER A 573 2.48 13.00 19.04
N ASN A 574 3.57 12.54 18.44
CA ASN A 574 3.73 12.58 16.98
C ASN A 574 4.71 11.47 16.63
N GLY A 575 4.18 10.31 16.26
CA GLY A 575 5.02 9.13 16.07
C GLY A 575 4.18 7.86 16.19
N ASN A 576 4.83 6.71 16.30
N ASN A 576 4.86 6.73 16.32
CA ASN A 576 4.06 5.52 16.64
CA ASN A 576 4.23 5.44 16.64
C ASN A 576 4.10 5.34 18.14
C ASN A 576 4.11 5.34 18.16
N LEU A 577 3.08 4.66 18.65
CA LEU A 577 2.88 4.51 20.07
C LEU A 577 2.16 3.20 20.35
N GLU A 578 2.55 2.51 21.41
N GLU A 578 2.55 2.57 21.45
CA GLU A 578 1.78 1.34 21.83
CA GLU A 578 1.91 1.34 21.89
C GLU A 578 1.82 1.13 23.33
C GLU A 578 1.73 1.38 23.40
N PHE A 579 0.67 0.76 23.87
CA PHE A 579 0.49 0.51 25.31
C PHE A 579 -0.70 -0.39 25.55
N GLU A 580 -0.77 -0.97 26.75
CA GLU A 580 -1.94 -1.68 27.18
C GLU A 580 -2.55 -0.93 28.34
N LEU A 581 -3.88 -0.91 28.37
CA LEU A 581 -4.60 -0.42 29.53
C LEU A 581 -5.24 -1.64 30.18
N HIS A 582 -5.06 -1.80 31.48
CA HIS A 582 -5.69 -2.90 32.18
C HIS A 582 -6.81 -2.39 33.07
N PHE A 583 -7.97 -3.04 32.96
CA PHE A 583 -9.17 -2.63 33.68
C PHE A 583 -10.21 -3.74 33.65
N LEU A 584 -11.22 -3.61 34.51
CA LEU A 584 -12.42 -4.43 34.44
C LEU A 584 -13.62 -3.58 34.05
N GLU A 585 -14.65 -4.20 33.48
CA GLU A 585 -15.86 -3.46 33.16
C GLU A 585 -16.76 -3.31 34.38
N HIS A 586 -17.57 -2.27 34.37
CA HIS A 586 -18.51 -2.05 35.45
C HIS A 586 -19.83 -2.76 35.20
C1 EDO B . -12.99 7.67 -5.27
O1 EDO B . -13.97 6.66 -4.97
C2 EDO B . -11.59 7.17 -4.94
O2 EDO B . -11.24 6.13 -5.88
C1 EDO C . 28.11 -3.10 -6.64
O1 EDO C . 27.48 -4.29 -7.15
C2 EDO C . 29.54 -2.96 -7.11
O2 EDO C . 29.67 -3.18 -8.52
#